data_2CB1
#
_entry.id   2CB1
#
_cell.length_a   55.986
_cell.length_b   86.392
_cell.length_c   156.138
_cell.angle_alpha   90.00
_cell.angle_beta   90.00
_cell.angle_gamma   90.00
#
_symmetry.space_group_name_H-M   'I 2 2 2'
#
loop_
_entity.id
_entity.type
_entity.pdbx_description
1 polymer 'O-ACETYL HOMOSERINE SULFHYDRYLASE'
2 non-polymer "PYRIDOXAL-5'-PHOSPHATE"
3 water water
#
_entity_poly.entity_id   1
_entity_poly.type   'polypeptide(L)'
_entity_poly.pdbx_seq_one_letter_code
;MEYTTLAVLAGLPEDPHGAVGLPIYAVAAYGFKTLEEGQERFATGEGYVYARQKDPTAKALEERLKALEGALEAVVLASG
QAATFAALLALLRPGDEVVAAKGLFGQTIGLFGQVLSLMGVTVRYVDPEPEAVREALSAKTRAVFVETVANPALLVPDLE
ALATLAEEAGVALVVDNTFGAAGALCRPLAWGAHVVVESLTKWASGHGSVLGGAVLSRETELWRNYPQFLQPDLKGQIPW
EALRARCFPERVRTLGLSLCGMALSPFNAYLLFQGLETVALRVARMSETARFLAERLQGHPKVKALRYPGLPEDPAHRNA
RKYLASGGPILTLDLGDLERASRFLGAIRLLKAANLGDARTLLVHPWTTTHSRLKEEARLQAGVTPGLVRVSVGLEDPLD
LLALFEEALEAV
;
_entity_poly.pdbx_strand_id   A
#
loop_
_chem_comp.id
_chem_comp.type
_chem_comp.name
_chem_comp.formula
PLP non-polymer PYRIDOXAL-5'-PHOSPHATE 'C8 H10 N O6 P'
#
# COMPACT_ATOMS: atom_id res chain seq x y z
N MET A 1 6.68 -10.19 20.86
CA MET A 1 6.59 -8.69 21.03
C MET A 1 5.41 -8.18 20.24
N GLU A 2 4.72 -7.15 20.74
CA GLU A 2 3.55 -6.57 20.06
C GLU A 2 4.01 -5.61 18.98
N TYR A 3 3.11 -5.28 18.06
CA TYR A 3 3.43 -4.37 16.94
C TYR A 3 4.13 -3.02 17.42
N THR A 4 3.62 -2.43 18.50
CA THR A 4 4.11 -1.12 18.96
C THR A 4 5.54 -1.28 19.45
N THR A 5 5.80 -2.43 20.11
CA THR A 5 7.15 -2.78 20.51
C THR A 5 8.09 -2.97 19.33
N LEU A 6 7.67 -3.79 18.35
CA LEU A 6 8.53 -4.07 17.19
C LEU A 6 8.87 -2.77 16.40
N ALA A 7 7.93 -1.86 16.40
CA ALA A 7 8.00 -0.68 15.52
C ALA A 7 9.12 0.25 15.92
N VAL A 8 9.56 0.21 17.21
CA VAL A 8 10.65 1.10 17.67
C VAL A 8 11.95 0.31 17.82
N LEU A 9 11.88 -1.04 17.72
CA LEU A 9 13.09 -1.87 17.91
C LEU A 9 13.53 -2.62 16.66
N ALA A 10 12.58 -3.18 15.89
CA ALA A 10 12.95 -3.99 14.72
C ALA A 10 13.73 -3.22 13.72
N GLY A 11 14.82 -3.83 13.21
CA GLY A 11 15.58 -3.20 12.12
C GLY A 11 16.66 -2.20 12.62
N LEU A 12 16.70 -1.82 13.88
CA LEU A 12 17.83 -1.09 14.42
C LEU A 12 19.14 -1.84 14.19
N PRO A 13 20.11 -1.18 13.57
CA PRO A 13 21.37 -1.85 13.23
C PRO A 13 22.21 -2.07 14.48
N GLU A 14 23.08 -3.07 14.41
CA GLU A 14 24.08 -3.29 15.43
C GLU A 14 25.26 -2.32 15.11
N ASP A 15 25.12 -1.11 15.65
CA ASP A 15 26.07 -0.08 15.27
C ASP A 15 27.37 -0.26 16.04
N PRO A 16 28.54 -0.04 15.41
CA PRO A 16 29.78 -0.26 16.18
C PRO A 16 29.88 0.65 17.39
N HIS A 17 29.12 1.76 17.42
CA HIS A 17 29.30 2.72 18.51
C HIS A 17 28.20 2.59 19.55
N GLY A 18 27.24 1.70 19.29
CA GLY A 18 26.07 1.65 20.15
C GLY A 18 24.94 2.60 19.74
N ALA A 19 25.06 3.30 18.62
CA ALA A 19 24.06 4.28 18.16
C ALA A 19 22.62 3.80 18.27
N VAL A 20 21.80 4.60 18.92
CA VAL A 20 20.38 4.28 19.13
C VAL A 20 19.65 5.02 18.04
N GLY A 21 19.68 4.39 16.86
CA GLY A 21 18.99 4.94 15.70
C GLY A 21 19.71 4.45 14.48
N LEU A 22 19.55 5.20 13.41
CA LEU A 22 19.95 4.75 12.07
C LEU A 22 20.83 5.74 11.31
N PRO A 23 22.14 5.48 11.23
CA PRO A 23 22.96 6.39 10.41
C PRO A 23 22.45 6.36 8.93
N ILE A 24 22.64 7.47 8.22
CA ILE A 24 22.20 7.57 6.82
C ILE A 24 23.39 7.30 5.94
N TYR A 25 23.34 6.18 5.26
CA TYR A 25 24.41 5.81 4.36
C TYR A 25 24.24 6.47 3.02
N ALA A 26 24.49 7.79 2.97
CA ALA A 26 24.49 8.59 1.74
C ALA A 26 25.87 8.50 1.07
N VAL A 27 26.19 7.26 0.63
CA VAL A 27 27.41 6.87 -0.04
C VAL A 27 27.02 5.96 -1.22
N ALA A 28 27.66 6.19 -2.35
CA ALA A 28 27.33 5.44 -3.57
C ALA A 28 28.00 4.05 -3.61
N ALA A 29 29.24 3.96 -3.12
CA ALA A 29 30.02 2.73 -3.32
C ALA A 29 30.80 2.29 -2.07
N TYR A 30 31.17 1.00 -2.06
CA TYR A 30 31.81 0.39 -0.92
C TYR A 30 33.06 -0.26 -1.49
N GLY A 31 34.20 0.06 -0.90
CA GLY A 31 35.47 -0.43 -1.44
C GLY A 31 35.93 -1.77 -0.85
N PHE A 32 36.94 -2.34 -1.47
CA PHE A 32 37.48 -3.64 -1.10
C PHE A 32 38.99 -3.59 -1.26
N LYS A 33 39.69 -4.49 -0.57
CA LYS A 33 41.15 -4.33 -0.47
C LYS A 33 41.88 -5.13 -1.54
N THR A 34 41.22 -6.12 -2.15
CA THR A 34 41.91 -6.93 -3.17
C THR A 34 41.02 -7.21 -4.34
N LEU A 35 41.65 -7.62 -5.45
CA LEU A 35 40.86 -8.07 -6.61
C LEU A 35 39.87 -9.13 -6.16
N GLU A 36 40.37 -10.09 -5.36
CA GLU A 36 39.55 -11.21 -4.90
C GLU A 36 38.36 -10.88 -3.99
N GLU A 37 38.54 -9.92 -3.10
CA GLU A 37 37.45 -9.51 -2.23
C GLU A 37 36.34 -8.91 -3.06
N GLY A 38 36.72 -8.01 -3.96
CA GLY A 38 35.77 -7.44 -4.97
C GLY A 38 34.99 -8.49 -5.75
N GLN A 39 35.72 -9.46 -6.25
CA GLN A 39 35.16 -10.55 -7.03
C GLN A 39 34.17 -11.39 -6.20
N GLU A 40 34.52 -11.73 -4.97
CA GLU A 40 33.60 -12.46 -4.09
C GLU A 40 32.31 -11.68 -3.71
N ARG A 41 32.39 -10.37 -3.44
CA ARG A 41 31.12 -9.60 -3.15
C ARG A 41 30.19 -9.57 -4.40
N PHE A 42 30.79 -9.43 -5.57
CA PHE A 42 30.02 -9.49 -6.83
C PHE A 42 29.33 -10.87 -7.14
N ALA A 43 30.06 -11.94 -6.84
CA ALA A 43 29.59 -13.31 -7.05
C ALA A 43 28.46 -13.70 -6.08
N THR A 44 28.63 -13.40 -4.80
CA THR A 44 27.74 -13.88 -3.75
C THR A 44 26.66 -12.86 -3.37
N GLY A 45 26.84 -11.62 -3.78
CA GLY A 45 25.95 -10.52 -3.34
C GLY A 45 26.04 -10.22 -1.85
N GLU A 46 27.03 -10.77 -1.17
CA GLU A 46 27.15 -10.48 0.24
C GLU A 46 28.02 -9.25 0.44
N GLY A 47 27.88 -8.60 1.59
CA GLY A 47 28.56 -7.30 1.76
C GLY A 47 28.00 -6.23 0.81
N TYR A 48 28.61 -5.04 0.81
CA TYR A 48 28.08 -3.99 -0.06
C TYR A 48 29.03 -3.66 -1.20
N VAL A 49 28.47 -3.20 -2.35
CA VAL A 49 29.38 -2.66 -3.36
C VAL A 49 28.90 -1.33 -3.96
N TYR A 50 27.62 -1.20 -4.13
CA TYR A 50 27.08 -0.06 -4.86
C TYR A 50 25.64 0.14 -4.39
N ALA A 51 25.27 1.40 -4.19
CA ALA A 51 24.07 1.69 -3.45
C ALA A 51 22.80 1.33 -4.28
N ARG A 52 22.87 1.28 -5.63
CA ARG A 52 21.65 0.92 -6.35
C ARG A 52 21.16 -0.52 -6.00
N GLN A 53 22.05 -1.47 -5.73
CA GLN A 53 21.62 -2.85 -5.36
C GLN A 53 21.08 -2.98 -3.93
N LYS A 54 21.82 -2.42 -2.97
CA LYS A 54 21.42 -2.37 -1.53
C LYS A 54 22.30 -1.35 -0.74
N ASP A 55 21.79 -0.95 0.42
CA ASP A 55 22.34 0.10 1.22
C ASP A 55 21.92 -0.20 2.67
N PRO A 56 22.82 -0.01 3.66
CA PRO A 56 22.43 -0.37 5.08
C PRO A 56 21.24 0.38 5.61
N THR A 57 20.99 1.59 5.10
CA THR A 57 19.85 2.34 5.65
C THR A 57 18.54 1.75 5.12
N ALA A 58 18.43 1.54 3.79
CA ALA A 58 17.26 0.85 3.25
C ALA A 58 17.09 -0.54 3.93
N LYS A 59 18.19 -1.25 4.21
CA LYS A 59 18.08 -2.60 4.83
C LYS A 59 17.41 -2.52 6.17
N ALA A 60 17.77 -1.53 7.00
CA ALA A 60 17.06 -1.35 8.27
C ALA A 60 15.59 -1.14 8.09
N LEU A 61 15.20 -0.33 7.09
CA LEU A 61 13.76 -0.08 6.92
C LEU A 61 13.05 -1.38 6.43
N GLU A 62 13.68 -2.15 5.55
CA GLU A 62 13.17 -3.48 5.13
C GLU A 62 12.99 -4.34 6.36
N GLU A 63 14.00 -4.43 7.21
CA GLU A 63 13.86 -5.34 8.35
C GLU A 63 12.75 -4.89 9.25
N ARG A 64 12.56 -3.58 9.43
CA ARG A 64 11.47 -3.17 10.30
C ARG A 64 10.10 -3.48 9.63
N LEU A 65 9.98 -3.13 8.33
CA LEU A 65 8.70 -3.40 7.67
C LEU A 65 8.45 -4.92 7.65
N LYS A 66 9.48 -5.74 7.42
CA LYS A 66 9.29 -7.20 7.55
C LYS A 66 8.65 -7.61 8.90
N ALA A 67 9.18 -7.10 10.01
CA ALA A 67 8.67 -7.39 11.34
C ALA A 67 7.22 -6.90 11.47
N LEU A 68 6.89 -5.75 10.84
CA LEU A 68 5.62 -5.17 11.13
C LEU A 68 4.51 -5.83 10.27
N GLU A 69 4.85 -6.18 9.04
CA GLU A 69 3.90 -6.91 8.16
C GLU A 69 3.90 -8.43 8.40
N GLY A 70 4.95 -8.90 9.08
CA GLY A 70 5.07 -10.34 9.48
C GLY A 70 5.47 -11.13 8.25
N ALA A 71 6.38 -10.56 7.47
CA ALA A 71 6.76 -11.13 6.20
C ALA A 71 7.98 -12.04 6.25
N LEU A 72 8.19 -12.77 5.16
CA LEU A 72 9.49 -13.35 4.88
C LEU A 72 10.63 -12.36 4.53
N GLU A 73 10.33 -11.38 3.69
CA GLU A 73 11.36 -10.49 3.19
C GLU A 73 10.63 -9.20 2.71
N ALA A 74 11.28 -8.04 2.83
CA ALA A 74 10.81 -6.78 2.26
C ALA A 74 11.85 -6.23 1.36
N VAL A 75 11.43 -5.52 0.29
CA VAL A 75 12.30 -4.80 -0.60
C VAL A 75 11.72 -3.36 -0.69
N VAL A 76 12.57 -2.35 -0.45
CA VAL A 76 12.03 -0.98 -0.58
C VAL A 76 12.48 -0.37 -1.88
N LEU A 77 11.68 0.56 -2.41
CA LEU A 77 11.90 1.20 -3.68
C LEU A 77 11.37 2.66 -3.59
N ALA A 78 11.55 3.41 -4.68
CA ALA A 78 11.51 4.87 -4.67
C ALA A 78 10.14 5.44 -4.37
N SER A 79 9.10 4.61 -4.58
CA SER A 79 7.70 5.01 -4.38
C SER A 79 6.78 3.79 -4.33
N GLY A 80 5.55 3.98 -3.83
CA GLY A 80 4.45 3.03 -3.92
C GLY A 80 4.24 2.53 -5.34
N GLN A 81 4.18 3.45 -6.31
CA GLN A 81 4.05 3.07 -7.71
C GLN A 81 5.17 2.15 -8.13
N ALA A 82 6.43 2.45 -7.74
CA ALA A 82 7.58 1.66 -8.18
C ALA A 82 7.47 0.23 -7.68
N ALA A 83 6.96 0.09 -6.44
CA ALA A 83 6.77 -1.22 -5.76
C ALA A 83 5.66 -2.07 -6.47
N THR A 84 4.48 -1.45 -6.71
CA THR A 84 3.43 -2.16 -7.47
C THR A 84 4.08 -2.60 -8.81
N PHE A 85 4.74 -1.68 -9.51
CA PHE A 85 5.35 -2.03 -10.81
C PHE A 85 6.44 -3.14 -10.72
N ALA A 86 7.37 -3.05 -9.76
CA ALA A 86 8.42 -4.02 -9.62
C ALA A 86 7.92 -5.43 -9.26
N ALA A 87 6.94 -5.49 -8.37
CA ALA A 87 6.31 -6.75 -7.97
C ALA A 87 5.68 -7.53 -9.18
N LEU A 88 4.95 -6.80 -10.02
CA LEU A 88 4.26 -7.33 -11.20
C LEU A 88 5.26 -7.69 -12.28
N LEU A 89 6.26 -6.82 -12.51
CA LEU A 89 7.36 -7.06 -13.40
C LEU A 89 8.10 -8.40 -13.02
N ALA A 90 8.23 -8.67 -11.72
CA ALA A 90 8.90 -9.91 -11.27
C ALA A 90 8.04 -11.18 -11.44
N LEU A 91 6.75 -10.99 -11.61
CA LEU A 91 5.73 -12.07 -11.73
C LEU A 91 5.35 -12.43 -13.16
N LEU A 92 5.34 -11.47 -14.05
CA LEU A 92 4.59 -11.55 -15.28
C LEU A 92 5.46 -11.68 -16.53
N ARG A 93 4.88 -12.25 -17.62
CA ARG A 93 5.53 -12.43 -18.95
C ARG A 93 4.55 -11.90 -20.00
N PRO A 94 5.04 -11.56 -21.21
CA PRO A 94 4.08 -11.13 -22.22
C PRO A 94 3.01 -12.22 -22.52
N GLY A 95 1.74 -11.85 -22.58
CA GLY A 95 0.68 -12.83 -22.76
C GLY A 95 0.00 -13.21 -21.44
N ASP A 96 0.60 -12.87 -20.29
CA ASP A 96 -0.09 -13.20 -19.04
C ASP A 96 -1.36 -12.34 -18.88
N GLU A 97 -2.22 -12.74 -17.97
CA GLU A 97 -3.34 -11.90 -17.58
C GLU A 97 -3.30 -11.65 -16.09
N VAL A 98 -3.76 -10.46 -15.71
CA VAL A 98 -4.05 -10.18 -14.32
C VAL A 98 -5.56 -10.00 -14.11
N VAL A 99 -6.07 -10.51 -12.99
CA VAL A 99 -7.41 -10.22 -12.56
C VAL A 99 -7.33 -9.26 -11.41
N ALA A 100 -7.83 -8.02 -11.62
CA ALA A 100 -7.61 -6.89 -10.70
C ALA A 100 -8.97 -6.38 -10.17
N ALA A 101 -9.06 -6.02 -8.89
CA ALA A 101 -10.29 -5.41 -8.36
C ALA A 101 -10.65 -4.15 -9.20
N LYS A 102 -11.93 -3.87 -9.30
CA LYS A 102 -12.34 -2.63 -9.95
C LYS A 102 -12.03 -1.34 -9.18
N GLY A 103 -11.94 -1.41 -7.88
CA GLY A 103 -11.94 -0.05 -7.22
C GLY A 103 -10.63 0.77 -7.14
N LEU A 104 -9.64 0.47 -7.98
CA LEU A 104 -8.23 0.64 -7.61
C LEU A 104 -7.75 2.13 -7.60
N PHE A 105 -6.61 2.39 -6.93
CA PHE A 105 -5.89 3.66 -7.04
C PHE A 105 -5.74 4.07 -8.53
N GLY A 106 -6.02 5.34 -8.87
CA GLY A 106 -6.03 5.74 -10.32
C GLY A 106 -4.73 5.50 -11.06
N GLN A 107 -3.58 5.76 -10.38
CA GLN A 107 -2.29 5.43 -10.95
C GLN A 107 -2.07 3.92 -11.02
N THR A 108 -2.71 3.11 -10.20
CA THR A 108 -2.52 1.66 -10.45
C THR A 108 -3.25 1.32 -11.77
N ILE A 109 -4.44 1.86 -11.96
CA ILE A 109 -5.17 1.62 -13.24
C ILE A 109 -4.38 2.19 -14.41
N GLY A 110 -3.82 3.40 -14.24
CA GLY A 110 -2.95 3.96 -15.26
C GLY A 110 -1.71 3.10 -15.54
N LEU A 111 -1.02 2.67 -14.47
CA LEU A 111 0.11 1.80 -14.68
C LEU A 111 -0.35 0.53 -15.45
N PHE A 112 -1.50 -0.03 -15.05
CA PHE A 112 -1.97 -1.28 -15.71
C PHE A 112 -2.25 -1.04 -17.20
N GLY A 113 -2.96 0.08 -17.47
CA GLY A 113 -3.33 0.46 -18.85
C GLY A 113 -2.18 0.88 -19.78
N GLN A 114 -1.18 1.58 -19.24
CA GLN A 114 -0.23 2.28 -20.08
C GLN A 114 1.16 1.65 -20.05
N VAL A 115 1.44 0.85 -19.01
CA VAL A 115 2.75 0.27 -18.87
C VAL A 115 2.65 -1.23 -18.96
N LEU A 116 1.78 -1.85 -18.19
CA LEU A 116 1.65 -3.36 -18.29
C LEU A 116 1.18 -3.81 -19.67
N SER A 117 0.45 -2.91 -20.36
CA SER A 117 0.13 -3.11 -21.81
C SER A 117 1.39 -3.29 -22.68
N LEU A 118 2.40 -2.46 -22.40
CA LEU A 118 3.75 -2.50 -23.00
C LEU A 118 4.58 -3.77 -22.68
N MET A 119 4.34 -4.38 -21.51
CA MET A 119 4.88 -5.67 -21.11
C MET A 119 4.01 -6.83 -21.65
N GLY A 120 3.01 -6.52 -22.48
CA GLY A 120 2.15 -7.59 -23.12
C GLY A 120 1.03 -8.25 -22.27
N VAL A 121 0.62 -7.61 -21.17
CA VAL A 121 -0.23 -8.20 -20.17
C VAL A 121 -1.62 -7.63 -20.31
N THR A 122 -2.64 -8.45 -20.09
CA THR A 122 -4.00 -7.93 -20.20
C THR A 122 -4.57 -7.91 -18.79
N VAL A 123 -5.43 -6.95 -18.48
CA VAL A 123 -6.04 -6.98 -17.14
C VAL A 123 -7.57 -7.11 -17.23
N ARG A 124 -8.11 -8.01 -16.42
CA ARG A 124 -9.55 -8.14 -16.26
C ARG A 124 -9.97 -7.55 -14.96
N TYR A 125 -10.83 -6.55 -15.00
CA TYR A 125 -11.29 -5.93 -13.76
C TYR A 125 -12.60 -6.56 -13.25
N VAL A 126 -12.68 -6.89 -11.96
CA VAL A 126 -13.85 -7.54 -11.37
C VAL A 126 -14.16 -7.01 -10.00
N ASP A 127 -15.36 -7.27 -9.49
CA ASP A 127 -15.62 -7.12 -8.05
C ASP A 127 -14.65 -8.03 -7.25
N PRO A 128 -13.87 -7.46 -6.28
CA PRO A 128 -12.87 -8.27 -5.51
C PRO A 128 -13.47 -9.30 -4.52
N GLU A 129 -14.09 -10.32 -5.10
CA GLU A 129 -14.97 -11.24 -4.38
C GLU A 129 -14.75 -12.63 -4.99
N PRO A 130 -14.64 -13.71 -4.15
CA PRO A 130 -14.19 -15.03 -4.68
C PRO A 130 -14.83 -15.50 -6.00
N GLU A 131 -16.14 -15.39 -6.12
CA GLU A 131 -16.80 -15.98 -7.28
C GLU A 131 -16.55 -15.20 -8.52
N ALA A 132 -16.56 -13.85 -8.40
CA ALA A 132 -16.29 -13.01 -9.55
C ALA A 132 -14.83 -13.27 -10.00
N VAL A 133 -13.94 -13.46 -9.04
CA VAL A 133 -12.53 -13.75 -9.38
C VAL A 133 -12.35 -15.12 -10.13
N ARG A 134 -12.83 -16.18 -9.48
CA ARG A 134 -13.04 -17.56 -10.03
C ARG A 134 -13.50 -17.57 -11.47
N GLU A 135 -14.60 -16.87 -11.72
CA GLU A 135 -15.14 -16.87 -13.07
C GLU A 135 -14.32 -16.04 -13.99
N ALA A 136 -13.39 -15.23 -13.46
CA ALA A 136 -12.45 -14.55 -14.40
C ALA A 136 -11.14 -15.32 -14.68
N LEU A 137 -10.86 -16.32 -13.90
CA LEU A 137 -9.64 -17.11 -14.13
C LEU A 137 -9.59 -17.71 -15.54
N SER A 138 -8.41 -17.70 -16.14
CA SER A 138 -8.17 -18.43 -17.33
C SER A 138 -6.82 -19.14 -17.21
N ALA A 139 -6.46 -19.92 -18.24
CA ALA A 139 -5.20 -20.65 -18.26
C ALA A 139 -4.05 -19.65 -18.12
N LYS A 140 -4.29 -18.38 -18.50
CA LYS A 140 -3.24 -17.35 -18.56
C LYS A 140 -3.18 -16.45 -17.32
N THR A 141 -4.07 -16.63 -16.36
CA THR A 141 -4.07 -15.77 -15.17
C THR A 141 -2.77 -16.04 -14.39
N ARG A 142 -2.05 -14.98 -14.05
CA ARG A 142 -0.83 -15.15 -13.27
C ARG A 142 -0.84 -14.39 -11.94
N ALA A 143 -1.90 -13.64 -11.68
CA ALA A 143 -1.98 -12.82 -10.45
C ALA A 143 -3.38 -12.32 -10.26
N VAL A 144 -3.78 -12.26 -8.99
CA VAL A 144 -5.03 -11.65 -8.62
C VAL A 144 -4.52 -10.43 -7.78
N PHE A 145 -4.87 -9.24 -8.22
CA PHE A 145 -4.51 -7.96 -7.51
C PHE A 145 -5.70 -7.20 -6.90
N VAL A 146 -5.70 -7.05 -5.57
CA VAL A 146 -6.69 -6.26 -4.86
C VAL A 146 -5.99 -5.26 -3.84
N GLU A 147 -6.77 -4.34 -3.28
CA GLU A 147 -6.28 -3.40 -2.28
C GLU A 147 -6.96 -3.81 -1.01
N THR A 148 -6.27 -3.72 0.11
CA THR A 148 -6.85 -3.99 1.41
C THR A 148 -8.19 -3.28 1.69
N VAL A 149 -8.27 -1.98 1.36
CA VAL A 149 -9.53 -1.25 1.49
C VAL A 149 -9.64 -0.55 0.19
N ALA A 150 -10.69 -0.76 -0.57
CA ALA A 150 -10.78 -0.03 -1.89
C ALA A 150 -10.84 1.50 -1.69
N ASN A 151 -10.11 2.23 -2.47
CA ASN A 151 -10.12 3.65 -2.32
C ASN A 151 -10.58 4.37 -3.52
N PRO A 152 -11.64 5.19 -3.39
CA PRO A 152 -12.47 5.52 -2.23
C PRO A 152 -13.76 4.70 -1.97
N ALA A 153 -13.95 3.57 -2.65
CA ALA A 153 -15.20 2.81 -2.49
C ALA A 153 -15.34 2.26 -1.06
N LEU A 154 -14.21 2.20 -0.31
CA LEU A 154 -14.14 1.64 1.06
C LEU A 154 -14.80 0.30 1.16
N LEU A 155 -14.45 -0.62 0.28
CA LEU A 155 -14.90 -2.02 0.45
C LEU A 155 -13.70 -2.81 0.85
N VAL A 156 -13.87 -3.73 1.78
CA VAL A 156 -12.79 -4.63 2.26
C VAL A 156 -13.05 -6.01 1.66
N PRO A 157 -12.13 -6.50 0.81
CA PRO A 157 -12.22 -7.84 0.24
C PRO A 157 -12.08 -8.92 1.30
N ASP A 158 -12.62 -10.09 1.00
CA ASP A 158 -12.56 -11.26 1.82
C ASP A 158 -11.18 -11.91 1.56
N LEU A 159 -10.11 -11.37 2.20
CA LEU A 159 -8.73 -11.79 1.88
C LEU A 159 -8.46 -13.24 2.06
N GLU A 160 -8.98 -13.78 3.13
CA GLU A 160 -8.61 -15.17 3.41
C GLU A 160 -9.17 -16.08 2.31
N ALA A 161 -10.42 -15.86 1.90
CA ALA A 161 -11.04 -16.67 0.82
C ALA A 161 -10.43 -16.38 -0.53
N LEU A 162 -10.07 -15.12 -0.82
CA LEU A 162 -9.28 -14.87 -2.04
C LEU A 162 -7.90 -15.60 -2.01
N ALA A 163 -7.25 -15.63 -0.84
CA ALA A 163 -5.90 -16.31 -0.78
C ALA A 163 -6.07 -17.83 -0.97
N THR A 164 -7.08 -18.40 -0.35
CA THR A 164 -7.37 -19.86 -0.60
C THR A 164 -7.62 -20.14 -2.10
N LEU A 165 -8.41 -19.30 -2.76
CA LEU A 165 -8.64 -19.46 -4.23
C LEU A 165 -7.37 -19.30 -5.06
N ALA A 166 -6.59 -18.23 -4.78
CA ALA A 166 -5.35 -18.01 -5.52
C ALA A 166 -4.42 -19.26 -5.34
N GLU A 167 -4.25 -19.69 -4.08
CA GLU A 167 -3.38 -20.82 -3.72
C GLU A 167 -3.88 -22.03 -4.52
N GLU A 168 -5.19 -22.33 -4.42
CA GLU A 168 -5.81 -23.41 -5.28
C GLU A 168 -5.65 -23.31 -6.79
N ALA A 169 -5.81 -22.11 -7.38
CA ALA A 169 -5.48 -21.90 -8.78
C ALA A 169 -4.00 -21.87 -9.19
N GLY A 170 -3.05 -21.80 -8.24
CA GLY A 170 -1.62 -21.70 -8.57
C GLY A 170 -1.24 -20.27 -9.02
N VAL A 171 -1.93 -19.26 -8.51
CA VAL A 171 -1.56 -17.87 -8.84
C VAL A 171 -1.38 -17.04 -7.61
N ALA A 172 -0.64 -15.95 -7.77
CA ALA A 172 -0.33 -15.10 -6.62
C ALA A 172 -1.51 -14.18 -6.29
N LEU A 173 -1.87 -14.06 -5.01
CA LEU A 173 -2.73 -12.97 -4.57
C LEU A 173 -1.78 -11.85 -4.14
N VAL A 174 -1.85 -10.74 -4.89
CA VAL A 174 -1.02 -9.54 -4.64
C VAL A 174 -1.96 -8.53 -3.96
N VAL A 175 -1.61 -8.05 -2.74
CA VAL A 175 -2.48 -7.11 -2.04
C VAL A 175 -1.71 -5.80 -1.91
N ASP A 176 -2.28 -4.75 -2.48
CA ASP A 176 -1.92 -3.38 -2.08
C ASP A 176 -2.42 -3.00 -0.67
N ASN A 177 -1.48 -3.01 0.28
CA ASN A 177 -1.80 -2.80 1.67
C ASN A 177 -1.54 -1.37 2.10
N THR A 178 -1.56 -0.44 1.15
CA THR A 178 -1.35 0.97 1.48
C THR A 178 -2.28 1.40 2.65
N PHE A 179 -3.59 1.08 2.58
CA PHE A 179 -4.57 1.42 3.64
C PHE A 179 -4.37 0.57 4.92
N GLY A 180 -3.63 -0.54 4.84
CA GLY A 180 -3.49 -1.30 6.06
C GLY A 180 -2.32 -0.80 6.86
N ALA A 181 -1.67 0.23 6.34
CA ALA A 181 -0.72 1.02 7.18
C ALA A 181 0.43 0.17 7.68
N ALA A 182 1.15 -0.45 6.76
CA ALA A 182 2.34 -1.24 7.13
C ALA A 182 2.05 -2.29 8.22
N GLY A 183 0.82 -2.88 8.21
CA GLY A 183 0.49 -3.93 9.16
C GLY A 183 -0.22 -3.42 10.39
N ALA A 184 -0.21 -2.11 10.60
CA ALA A 184 -0.86 -1.56 11.83
C ALA A 184 -2.39 -1.70 11.77
N LEU A 185 -2.95 -1.61 10.55
CA LEU A 185 -4.42 -1.71 10.41
C LEU A 185 -4.76 -3.08 9.83
N CYS A 186 -3.90 -3.58 8.92
CA CYS A 186 -4.10 -4.93 8.29
C CYS A 186 -2.77 -5.57 7.92
N ARG A 187 -2.70 -6.90 8.07
CA ARG A 187 -1.56 -7.73 7.61
C ARG A 187 -2.06 -8.85 6.65
N PRO A 188 -2.24 -8.51 5.37
CA PRO A 188 -2.71 -9.44 4.36
C PRO A 188 -1.89 -10.74 4.24
N LEU A 189 -0.57 -10.67 4.46
CA LEU A 189 0.23 -11.88 4.42
C LEU A 189 -0.23 -12.91 5.49
N ALA A 190 -0.73 -12.43 6.61
CA ALA A 190 -1.18 -13.27 7.70
C ALA A 190 -2.46 -14.03 7.31
N TRP A 191 -3.15 -13.56 6.27
CA TRP A 191 -4.38 -14.19 5.84
C TRP A 191 -4.19 -15.09 4.66
N GLY A 192 -2.94 -15.15 4.15
CA GLY A 192 -2.56 -15.97 2.99
C GLY A 192 -2.18 -15.21 1.70
N ALA A 193 -2.29 -13.88 1.63
CA ALA A 193 -1.70 -13.16 0.46
C ALA A 193 -0.28 -13.62 0.27
N HIS A 194 0.13 -13.77 -1.00
CA HIS A 194 1.53 -14.11 -1.31
C HIS A 194 2.45 -12.90 -1.32
N VAL A 195 1.92 -11.75 -1.82
CA VAL A 195 2.71 -10.54 -2.01
C VAL A 195 1.91 -9.37 -1.43
N VAL A 196 2.60 -8.47 -0.70
CA VAL A 196 2.00 -7.16 -0.40
C VAL A 196 2.86 -6.10 -1.10
N VAL A 197 2.22 -5.11 -1.71
CA VAL A 197 2.91 -3.87 -2.10
C VAL A 197 2.25 -2.69 -1.32
N GLU A 198 2.93 -1.57 -1.15
CA GLU A 198 2.29 -0.46 -0.48
C GLU A 198 3.11 0.78 -0.70
N SER A 199 2.42 1.92 -0.60
CA SER A 199 3.05 3.27 -0.56
C SER A 199 3.39 3.58 0.91
N LEU A 200 4.67 3.66 1.23
CA LEU A 200 5.08 4.15 2.52
C LEU A 200 4.88 5.66 2.64
N THR A 201 4.61 6.34 1.51
CA THR A 201 4.42 7.75 1.50
C THR A 201 3.33 8.21 2.39
N LYS A 202 2.36 7.30 2.60
CA LYS A 202 1.08 7.61 3.21
C LYS A 202 1.19 7.47 4.71
N TRP A 203 0.55 6.48 5.32
CA TRP A 203 0.50 6.32 6.75
C TRP A 203 1.86 6.00 7.43
N ALA A 204 2.72 5.24 6.76
CA ALA A 204 3.99 4.79 7.32
C ALA A 204 4.84 6.04 7.56
N SER A 205 4.85 6.94 6.56
CA SER A 205 5.64 8.17 6.70
C SER A 205 4.96 9.00 7.75
N GLY A 206 3.65 9.23 7.58
CA GLY A 206 2.88 10.03 8.56
C GLY A 206 2.99 11.57 8.51
N HIS A 207 3.88 12.10 7.67
CA HIS A 207 4.14 13.57 7.64
C HIS A 207 4.07 14.20 6.26
N GLY A 208 3.53 13.46 5.28
CA GLY A 208 3.38 14.04 3.92
C GLY A 208 4.70 14.68 3.53
N SER A 209 5.78 13.91 3.71
CA SER A 209 7.10 14.38 3.45
C SER A 209 7.73 13.79 2.14
N VAL A 210 8.21 12.55 2.18
CA VAL A 210 8.99 11.99 1.07
C VAL A 210 8.29 10.70 0.59
N LEU A 211 8.71 10.18 -0.57
CA LEU A 211 8.04 9.02 -1.23
C LEU A 211 8.82 7.79 -0.87
N GLY A 212 8.12 6.68 -0.71
CA GLY A 212 8.83 5.39 -0.63
C GLY A 212 7.75 4.35 -0.91
N GLY A 213 8.18 3.18 -1.31
CA GLY A 213 7.28 2.02 -1.38
C GLY A 213 7.95 0.74 -0.95
N ALA A 214 7.13 -0.30 -0.77
CA ALA A 214 7.72 -1.57 -0.36
C ALA A 214 7.02 -2.73 -1.06
N VAL A 215 7.80 -3.78 -1.35
CA VAL A 215 7.23 -5.10 -1.71
C VAL A 215 7.64 -6.11 -0.65
N LEU A 216 6.70 -6.95 -0.27
CA LEU A 216 6.96 -7.95 0.77
C LEU A 216 6.32 -9.23 0.28
N SER A 217 6.90 -10.37 0.66
CA SER A 217 6.23 -11.63 0.42
C SER A 217 6.41 -12.58 1.62
N ARG A 218 5.69 -13.70 1.52
CA ARG A 218 5.69 -14.70 2.58
C ARG A 218 6.28 -16.03 2.08
N GLU A 219 6.55 -16.90 3.06
CA GLU A 219 7.01 -18.26 2.74
C GLU A 219 5.79 -18.94 2.09
N THR A 220 6.05 -19.56 0.95
CA THR A 220 5.09 -20.20 0.06
C THR A 220 5.88 -21.02 -0.91
N GLU A 221 5.20 -22.05 -1.44
CA GLU A 221 5.67 -22.95 -2.49
C GLU A 221 5.23 -22.55 -3.86
N LEU A 222 4.39 -21.49 -3.93
CA LEU A 222 3.83 -20.99 -5.19
C LEU A 222 4.90 -20.75 -6.24
N TRP A 223 6.03 -20.11 -5.87
CA TRP A 223 6.97 -19.65 -6.91
C TRP A 223 7.62 -20.77 -7.72
N ARG A 224 7.52 -22.01 -7.20
CA ARG A 224 8.01 -23.24 -7.92
C ARG A 224 7.30 -23.39 -9.29
N ASN A 225 6.07 -22.87 -9.35
CA ASN A 225 5.17 -22.90 -10.50
C ASN A 225 5.33 -21.74 -11.47
N TYR A 226 6.25 -20.81 -11.19
CA TYR A 226 6.63 -19.80 -12.16
C TYR A 226 7.98 -20.08 -12.83
N PRO A 227 7.97 -20.27 -14.15
CA PRO A 227 9.14 -20.62 -14.95
C PRO A 227 10.39 -19.73 -14.72
N GLN A 228 10.18 -18.47 -14.40
CA GLN A 228 11.33 -17.58 -14.22
C GLN A 228 12.16 -18.01 -13.04
N PHE A 229 11.58 -18.73 -12.09
CA PHE A 229 12.31 -19.20 -10.94
C PHE A 229 12.91 -20.60 -11.11
N LEU A 230 12.76 -21.11 -12.34
CA LEU A 230 13.28 -22.41 -12.78
C LEU A 230 14.43 -22.34 -13.79
N GLN A 231 14.93 -21.15 -14.11
CA GLN A 231 15.95 -21.01 -15.12
C GLN A 231 17.41 -21.14 -14.60
N PRO A 239 17.11 -20.56 -9.19
CA PRO A 239 16.62 -19.64 -8.11
C PRO A 239 15.73 -20.36 -7.09
N TRP A 240 14.73 -21.13 -7.52
CA TRP A 240 13.89 -21.85 -6.52
C TRP A 240 14.74 -22.79 -5.60
N GLU A 241 15.66 -23.47 -6.22
CA GLU A 241 16.50 -24.43 -5.49
C GLU A 241 17.40 -23.71 -4.49
N ALA A 242 18.00 -22.63 -4.99
CA ALA A 242 19.02 -21.86 -4.28
C ALA A 242 18.45 -21.05 -3.15
N LEU A 243 17.20 -20.58 -3.31
CA LEU A 243 16.58 -19.50 -2.53
C LEU A 243 15.19 -19.83 -1.97
N ARG A 244 14.53 -20.87 -2.52
CA ARG A 244 13.20 -21.33 -2.07
C ARG A 244 12.27 -20.11 -2.07
N ALA A 245 11.49 -19.81 -1.05
CA ALA A 245 10.46 -18.73 -1.16
C ALA A 245 11.08 -17.29 -1.35
N ARG A 246 12.42 -17.17 -1.21
CA ARG A 246 13.13 -15.89 -1.29
C ARG A 246 13.47 -15.59 -2.74
N CYS A 247 13.22 -16.56 -3.62
CA CYS A 247 13.41 -16.32 -5.03
C CYS A 247 12.52 -15.09 -5.51
N PHE A 248 11.28 -14.98 -5.04
CA PHE A 248 10.42 -13.83 -5.51
C PHE A 248 11.00 -12.45 -5.12
N PRO A 249 11.30 -12.21 -3.83
CA PRO A 249 11.90 -10.90 -3.45
C PRO A 249 13.28 -10.64 -4.02
N GLU A 250 14.08 -11.69 -4.25
CA GLU A 250 15.31 -11.51 -4.95
C GLU A 250 15.18 -11.02 -6.37
N ARG A 251 14.19 -11.52 -7.09
CA ARG A 251 13.90 -11.03 -8.43
C ARG A 251 13.32 -9.57 -8.46
N VAL A 252 12.53 -9.19 -7.48
CA VAL A 252 12.00 -7.78 -7.36
C VAL A 252 13.20 -6.89 -7.18
N ARG A 253 14.08 -7.30 -6.27
CA ARG A 253 15.35 -6.61 -6.12
C ARG A 253 16.12 -6.47 -7.39
N THR A 254 16.49 -7.60 -7.99
CA THR A 254 17.20 -7.57 -9.25
C THR A 254 16.55 -6.72 -10.35
N LEU A 255 15.29 -6.97 -10.63
CA LEU A 255 14.65 -6.24 -11.73
C LEU A 255 14.35 -4.79 -11.34
N GLY A 256 13.86 -4.59 -10.12
CA GLY A 256 13.29 -3.30 -9.70
C GLY A 256 14.40 -2.30 -9.38
N LEU A 257 15.48 -2.79 -8.74
CA LEU A 257 16.58 -1.96 -8.23
C LEU A 257 17.84 -2.08 -9.08
N SER A 258 18.34 -3.30 -9.28
CA SER A 258 19.60 -3.44 -10.04
C SER A 258 19.42 -2.92 -11.46
N LEU A 259 18.28 -3.24 -12.06
CA LEU A 259 18.13 -3.00 -13.50
C LEU A 259 17.30 -1.78 -13.81
N CYS A 260 16.10 -1.68 -13.27
CA CYS A 260 15.29 -0.52 -13.53
C CYS A 260 15.72 0.65 -12.67
N GLY A 261 16.45 0.38 -11.58
CA GLY A 261 17.07 1.43 -10.74
C GLY A 261 16.07 2.30 -10.01
N MET A 262 15.00 1.69 -9.51
CA MET A 262 13.95 2.45 -8.84
C MET A 262 14.31 2.59 -7.32
N ALA A 263 15.50 3.11 -7.02
CA ALA A 263 16.09 3.00 -5.68
C ALA A 263 15.59 4.11 -4.77
N LEU A 264 15.33 3.74 -3.53
CA LEU A 264 14.86 4.69 -2.52
C LEU A 264 16.09 5.43 -1.97
N SER A 265 16.01 6.76 -1.83
CA SER A 265 17.16 7.51 -1.24
C SER A 265 17.33 7.10 0.24
N PRO A 266 18.58 7.00 0.73
CA PRO A 266 18.76 6.72 2.17
C PRO A 266 18.21 7.85 3.01
N PHE A 267 18.15 9.09 2.49
CA PHE A 267 17.43 10.15 3.28
C PHE A 267 15.98 9.84 3.44
N ASN A 268 15.34 9.38 2.36
CA ASN A 268 13.92 8.95 2.47
C ASN A 268 13.74 7.71 3.38
N ALA A 269 14.58 6.70 3.25
CA ALA A 269 14.53 5.47 4.15
C ALA A 269 14.55 5.83 5.65
N TYR A 270 15.35 6.84 5.98
CA TYR A 270 15.60 7.27 7.35
C TYR A 270 14.31 7.90 7.86
N LEU A 271 13.72 8.83 7.11
CA LEU A 271 12.45 9.47 7.48
C LEU A 271 11.27 8.46 7.60
N LEU A 272 11.23 7.51 6.67
CA LEU A 272 10.18 6.46 6.69
C LEU A 272 10.39 5.52 7.89
N PHE A 273 11.64 5.19 8.17
CA PHE A 273 11.99 4.28 9.32
C PHE A 273 11.43 4.90 10.63
N GLN A 274 11.62 6.22 10.78
CA GLN A 274 11.11 6.94 11.95
C GLN A 274 9.63 7.09 11.91
N GLY A 275 9.03 7.36 10.75
CA GLY A 275 7.55 7.48 10.72
C GLY A 275 6.88 6.18 11.24
N LEU A 276 7.47 5.02 10.99
CA LEU A 276 6.90 3.71 11.48
C LEU A 276 6.84 3.67 13.01
N GLU A 277 7.68 4.46 13.69
CA GLU A 277 7.74 4.38 15.16
C GLU A 277 6.47 4.81 15.79
N THR A 278 5.68 5.62 15.08
CA THR A 278 4.37 6.12 15.59
C THR A 278 3.16 5.69 14.77
N VAL A 279 3.37 4.88 13.75
CA VAL A 279 2.22 4.52 12.90
C VAL A 279 1.05 3.88 13.65
N ALA A 280 1.31 2.95 14.58
CA ALA A 280 0.21 2.34 15.24
C ALA A 280 -0.55 3.33 16.09
N LEU A 281 0.16 4.19 16.84
CA LEU A 281 -0.47 5.29 17.61
C LEU A 281 -1.26 6.25 16.75
N ARG A 282 -0.69 6.64 15.61
CA ARG A 282 -1.38 7.61 14.72
C ARG A 282 -2.62 7.02 14.10
N VAL A 283 -2.49 5.80 13.52
CA VAL A 283 -3.62 5.09 12.90
C VAL A 283 -4.73 4.85 13.92
N ALA A 284 -4.36 4.49 15.12
CA ALA A 284 -5.39 4.39 16.18
C ALA A 284 -6.14 5.73 16.44
N ARG A 285 -5.39 6.83 16.57
CA ARG A 285 -6.00 8.14 16.82
C ARG A 285 -6.86 8.57 15.62
N MET A 286 -6.36 8.36 14.41
CA MET A 286 -7.09 8.84 13.25
C MET A 286 -8.42 8.06 13.14
N SER A 287 -8.34 6.77 13.45
CA SER A 287 -9.46 5.91 13.27
C SER A 287 -10.55 6.14 14.37
N GLU A 288 -10.11 6.48 15.60
CA GLU A 288 -11.00 6.93 16.71
C GLU A 288 -11.76 8.14 16.26
N THR A 289 -11.02 9.13 15.76
CA THR A 289 -11.60 10.37 15.27
C THR A 289 -12.52 10.12 14.05
N ALA A 290 -12.05 9.31 13.09
CA ALA A 290 -12.89 9.00 11.92
C ALA A 290 -14.24 8.38 12.33
N ARG A 291 -14.24 7.44 13.29
CA ARG A 291 -15.47 6.80 13.79
C ARG A 291 -16.37 7.85 14.47
N PHE A 292 -15.76 8.73 15.27
CA PHE A 292 -16.51 9.85 15.86
C PHE A 292 -17.15 10.69 14.75
N LEU A 293 -16.41 11.13 13.75
CA LEU A 293 -16.96 11.98 12.70
C LEU A 293 -18.05 11.29 11.89
N ALA A 294 -17.85 10.00 11.59
CA ALA A 294 -18.82 9.10 10.94
C ALA A 294 -20.16 9.11 11.71
N GLU A 295 -20.10 8.79 13.02
CA GLU A 295 -21.26 8.73 13.86
C GLU A 295 -22.00 10.08 13.96
N ARG A 296 -21.24 11.16 14.07
CA ARG A 296 -21.84 12.45 14.28
C ARG A 296 -22.38 13.10 13.02
N LEU A 297 -21.86 12.73 11.85
CA LEU A 297 -22.20 13.37 10.58
C LEU A 297 -23.23 12.56 9.77
N GLN A 298 -23.32 11.28 10.02
CA GLN A 298 -24.12 10.39 9.16
C GLN A 298 -25.61 10.79 9.11
N GLY A 299 -26.16 11.19 10.26
CA GLY A 299 -27.55 11.73 10.31
C GLY A 299 -27.78 13.18 9.89
N HIS A 300 -26.77 13.86 9.35
CA HIS A 300 -26.91 15.30 9.05
C HIS A 300 -27.73 15.43 7.74
N PRO A 301 -28.65 16.44 7.66
CA PRO A 301 -29.50 16.47 6.44
C PRO A 301 -28.75 16.73 5.12
N LYS A 302 -27.62 17.45 5.18
CA LYS A 302 -26.89 17.84 3.96
C LYS A 302 -25.96 16.70 3.48
N VAL A 303 -25.85 15.65 4.28
CA VAL A 303 -25.02 14.46 3.96
C VAL A 303 -25.89 13.37 3.34
N LYS A 304 -25.84 13.27 2.02
CA LYS A 304 -26.59 12.27 1.30
C LYS A 304 -26.26 10.80 1.66
N ALA A 305 -24.96 10.48 1.77
CA ALA A 305 -24.54 9.18 2.17
C ALA A 305 -23.16 9.35 2.89
N LEU A 306 -22.96 8.65 4.01
CA LEU A 306 -21.64 8.60 4.67
C LEU A 306 -21.19 7.17 4.74
N ARG A 307 -20.04 6.85 4.15
CA ARG A 307 -19.40 5.53 4.25
C ARG A 307 -18.23 5.56 5.22
N TYR A 308 -18.23 4.58 6.10
CA TYR A 308 -17.18 4.40 7.08
C TYR A 308 -17.28 2.95 7.46
N PRO A 309 -16.18 2.17 7.27
CA PRO A 309 -16.24 0.72 7.56
C PRO A 309 -16.60 0.30 9.00
N GLY A 310 -16.48 1.17 9.96
CA GLY A 310 -16.74 0.76 11.33
C GLY A 310 -18.16 1.11 11.77
N LEU A 311 -18.96 1.76 10.90
CA LEU A 311 -20.41 1.94 11.14
C LEU A 311 -21.11 0.59 10.99
N PRO A 312 -21.97 0.23 11.96
CA PRO A 312 -22.62 -1.11 12.10
C PRO A 312 -23.25 -1.57 10.80
N GLU A 313 -24.00 -0.68 10.16
CA GLU A 313 -24.73 -1.02 8.94
C GLU A 313 -23.93 -0.75 7.68
N ASP A 314 -22.65 -0.37 7.79
CA ASP A 314 -21.88 -0.10 6.57
C ASP A 314 -21.63 -1.37 5.74
N PRO A 315 -21.62 -1.28 4.41
CA PRO A 315 -21.33 -2.47 3.61
C PRO A 315 -19.98 -3.14 3.87
N ALA A 316 -19.02 -2.35 4.34
CA ALA A 316 -17.69 -2.87 4.60
C ALA A 316 -17.57 -3.51 5.96
N HIS A 317 -18.59 -3.39 6.81
CA HIS A 317 -18.43 -3.67 8.24
C HIS A 317 -18.11 -5.16 8.56
N ARG A 318 -18.83 -6.07 7.90
CA ARG A 318 -18.51 -7.51 7.93
C ARG A 318 -16.99 -7.76 7.82
N ASN A 319 -16.41 -7.35 6.69
CA ASN A 319 -15.06 -7.75 6.34
C ASN A 319 -14.05 -6.93 7.11
N ALA A 320 -14.37 -5.66 7.38
CA ALA A 320 -13.62 -4.84 8.34
C ALA A 320 -13.44 -5.53 9.68
N ARG A 321 -14.51 -6.11 10.25
CA ARG A 321 -14.43 -6.60 11.61
C ARG A 321 -13.44 -7.77 11.65
N LYS A 322 -13.34 -8.51 10.54
CA LYS A 322 -12.46 -9.65 10.45
C LYS A 322 -10.99 -9.25 10.17
N TYR A 323 -10.78 -8.41 9.16
CA TYR A 323 -9.45 -8.10 8.64
C TYR A 323 -8.77 -6.84 9.20
N LEU A 324 -9.54 -5.85 9.62
CA LEU A 324 -8.90 -4.59 10.07
C LEU A 324 -8.87 -4.47 11.59
N ALA A 325 -7.88 -3.74 12.11
CA ALA A 325 -7.80 -3.53 13.57
C ALA A 325 -8.89 -2.60 14.04
N SER A 326 -9.44 -1.79 13.15
CA SER A 326 -10.48 -0.87 13.60
C SER A 326 -11.31 -0.46 12.37
N GLY A 327 -12.16 0.57 12.47
CA GLY A 327 -12.90 1.06 11.30
C GLY A 327 -12.00 1.79 10.32
N GLY A 328 -10.77 2.17 10.78
CA GLY A 328 -9.78 2.78 9.91
C GLY A 328 -9.87 4.30 9.80
N PRO A 329 -8.94 4.94 9.12
CA PRO A 329 -8.82 6.41 9.17
C PRO A 329 -9.50 7.18 8.04
N ILE A 330 -10.22 6.47 7.15
CA ILE A 330 -10.84 7.14 5.99
C ILE A 330 -12.35 7.05 6.06
N LEU A 331 -13.00 8.12 5.66
CA LEU A 331 -14.47 8.05 5.49
C LEU A 331 -14.81 8.90 4.24
N THR A 332 -16.01 8.72 3.69
CA THR A 332 -16.41 9.59 2.60
C THR A 332 -17.80 10.21 2.91
N LEU A 333 -18.08 11.38 2.32
CA LEU A 333 -19.39 11.98 2.35
C LEU A 333 -19.88 12.18 0.90
N ASP A 334 -21.16 11.95 0.67
CA ASP A 334 -21.70 12.31 -0.63
C ASP A 334 -22.56 13.51 -0.43
N LEU A 335 -22.21 14.62 -1.06
CA LEU A 335 -22.93 15.87 -0.87
C LEU A 335 -24.15 15.93 -1.82
N GLY A 336 -24.22 14.99 -2.75
CA GLY A 336 -25.42 14.87 -3.61
C GLY A 336 -25.02 15.13 -5.07
N ASP A 337 -24.24 16.19 -5.29
CA ASP A 337 -23.79 16.55 -6.63
C ASP A 337 -22.52 17.41 -6.62
N LEU A 338 -22.07 17.78 -7.81
CA LEU A 338 -20.87 18.59 -7.97
C LEU A 338 -21.03 19.91 -7.22
N GLU A 339 -22.13 20.60 -7.48
CA GLU A 339 -22.40 21.92 -6.95
C GLU A 339 -22.34 21.99 -5.42
N ARG A 340 -22.95 21.02 -4.75
CA ARG A 340 -22.90 20.95 -3.29
C ARG A 340 -21.50 20.52 -2.71
N ALA A 341 -20.82 19.60 -3.38
CA ALA A 341 -19.38 19.28 -3.07
C ALA A 341 -18.45 20.52 -3.15
N SER A 342 -18.58 21.25 -4.26
CA SER A 342 -17.89 22.50 -4.47
C SER A 342 -18.06 23.51 -3.34
N ARG A 343 -19.32 23.78 -2.96
CA ARG A 343 -19.59 24.75 -1.89
C ARG A 343 -19.01 24.27 -0.57
N PHE A 344 -19.24 23.00 -0.23
CA PHE A 344 -18.66 22.36 0.95
C PHE A 344 -17.11 22.53 1.02
N LEU A 345 -16.43 22.19 -0.08
CA LEU A 345 -14.96 22.17 -0.10
C LEU A 345 -14.39 23.59 -0.12
N GLY A 346 -15.11 24.49 -0.79
CA GLY A 346 -14.72 25.87 -0.79
C GLY A 346 -14.95 26.38 0.61
N ALA A 347 -16.01 25.94 1.30
CA ALA A 347 -16.29 26.50 2.62
C ALA A 347 -15.45 25.92 3.75
N ILE A 348 -15.06 24.65 3.65
CA ILE A 348 -14.37 24.02 4.76
C ILE A 348 -12.97 24.58 5.04
N ARG A 349 -12.78 24.96 6.29
CA ARG A 349 -11.47 25.47 6.76
C ARG A 349 -10.51 24.34 7.16
N LEU A 350 -10.38 23.40 6.22
CA LEU A 350 -9.42 22.31 6.32
C LEU A 350 -8.74 22.17 4.97
N LEU A 351 -7.55 21.58 4.97
CA LEU A 351 -6.82 21.44 3.71
C LEU A 351 -7.51 20.49 2.74
N LYS A 352 -7.45 20.88 1.47
CA LYS A 352 -7.70 20.04 0.32
C LYS A 352 -6.37 19.73 -0.35
N ALA A 353 -6.01 18.46 -0.35
CA ALA A 353 -4.83 18.08 -1.10
C ALA A 353 -4.98 16.58 -1.39
N ALA A 354 -4.26 16.07 -2.39
CA ALA A 354 -4.31 14.63 -2.78
C ALA A 354 -3.17 13.85 -2.12
N ASN A 355 -3.36 13.50 -0.85
CA ASN A 355 -2.40 12.67 -0.16
C ASN A 355 -3.23 11.97 0.88
N LEU A 356 -2.68 10.93 1.50
CA LEU A 356 -3.37 10.19 2.55
C LEU A 356 -2.41 9.95 3.69
N GLY A 357 -2.97 9.78 4.88
CA GLY A 357 -2.21 9.27 6.04
C GLY A 357 -1.23 10.33 6.57
N ASP A 358 -1.40 11.55 6.13
CA ASP A 358 -0.70 12.69 6.75
C ASP A 358 -1.26 13.01 8.18
N ALA A 359 -0.51 13.79 8.94
CA ALA A 359 -0.91 14.11 10.32
C ALA A 359 -1.99 15.19 10.31
N ARG A 360 -2.17 15.82 9.15
CA ARG A 360 -3.25 16.80 8.89
C ARG A 360 -4.42 16.08 8.18
N THR A 361 -5.62 16.41 8.63
CA THR A 361 -6.87 15.95 7.95
C THR A 361 -6.92 16.60 6.59
N LEU A 362 -7.17 15.77 5.56
CA LEU A 362 -7.06 16.24 4.15
C LEU A 362 -8.39 15.83 3.50
N LEU A 363 -8.93 16.69 2.65
CA LEU A 363 -10.16 16.39 1.95
C LEU A 363 -9.86 16.45 0.46
N VAL A 364 -10.56 15.65 -0.34
CA VAL A 364 -10.32 15.77 -1.80
C VAL A 364 -11.62 15.34 -2.52
N HIS A 365 -11.75 15.75 -3.79
CA HIS A 365 -12.92 15.45 -4.61
C HIS A 365 -12.42 14.50 -5.72
N PRO A 366 -12.58 13.19 -5.47
CA PRO A 366 -12.00 12.24 -6.43
C PRO A 366 -12.40 12.37 -7.94
N TRP A 367 -13.63 12.80 -8.17
CA TRP A 367 -14.21 12.89 -9.51
C TRP A 367 -13.37 13.85 -10.39
N THR A 368 -12.90 14.94 -9.76
CA THR A 368 -12.10 15.99 -10.44
C THR A 368 -10.57 15.95 -10.19
N THR A 369 -10.14 15.04 -9.33
CA THR A 369 -8.72 14.95 -9.04
C THR A 369 -8.14 13.53 -9.15
N THR A 370 -8.13 12.81 -8.05
CA THR A 370 -7.49 11.49 -8.00
C THR A 370 -7.98 10.57 -9.15
N HIS A 371 -9.22 10.77 -9.60
CA HIS A 371 -9.81 9.89 -10.61
C HIS A 371 -10.17 10.60 -11.90
N SER A 372 -9.73 11.85 -12.05
CA SER A 372 -10.00 12.71 -13.25
C SER A 372 -9.39 12.20 -14.61
N ARG A 373 -8.37 11.34 -14.52
CA ARG A 373 -7.68 10.81 -15.71
C ARG A 373 -8.38 9.55 -16.23
N LEU A 374 -9.42 9.13 -15.52
CA LEU A 374 -10.32 8.05 -15.96
C LEU A 374 -11.62 8.61 -16.58
N LYS A 375 -12.07 7.94 -17.64
CA LYS A 375 -13.44 8.09 -18.18
C LYS A 375 -14.55 7.98 -17.10
N GLU A 376 -15.66 8.66 -17.31
CA GLU A 376 -16.77 8.64 -16.38
C GLU A 376 -17.22 7.24 -15.85
N GLU A 377 -17.42 6.28 -16.75
CA GLU A 377 -17.80 4.89 -16.42
C GLU A 377 -16.86 4.31 -15.36
N ALA A 378 -15.55 4.46 -15.63
CA ALA A 378 -14.49 3.94 -14.74
C ALA A 378 -14.54 4.67 -13.36
N ARG A 379 -14.88 5.94 -13.37
CA ARG A 379 -15.04 6.65 -12.11
C ARG A 379 -16.17 6.02 -11.31
N LEU A 380 -17.38 5.98 -11.90
CA LEU A 380 -18.56 5.32 -11.32
C LEU A 380 -18.35 3.85 -10.85
N GLN A 381 -17.54 3.11 -11.57
CA GLN A 381 -17.28 1.72 -11.21
C GLN A 381 -16.34 1.61 -10.00
N ALA A 382 -15.67 2.73 -9.69
CA ALA A 382 -14.70 2.77 -8.59
C ALA A 382 -15.36 3.35 -7.38
N GLY A 383 -16.68 3.58 -7.48
CA GLY A 383 -17.42 4.20 -6.39
C GLY A 383 -17.23 5.72 -6.34
N VAL A 384 -16.65 6.31 -7.40
CA VAL A 384 -16.49 7.77 -7.47
C VAL A 384 -17.67 8.43 -8.19
N THR A 385 -18.38 9.34 -7.50
CA THR A 385 -19.56 10.07 -8.06
C THR A 385 -19.30 11.58 -7.95
N PRO A 386 -20.04 12.45 -8.71
CA PRO A 386 -19.76 13.92 -8.57
C PRO A 386 -20.04 14.59 -7.19
N GLY A 387 -20.82 13.96 -6.33
CA GLY A 387 -21.05 14.46 -4.99
C GLY A 387 -20.00 14.02 -3.96
N LEU A 388 -19.17 13.03 -4.29
CA LEU A 388 -18.32 12.37 -3.30
C LEU A 388 -17.08 13.21 -2.90
N VAL A 389 -16.93 13.29 -1.58
CA VAL A 389 -15.75 13.91 -0.96
C VAL A 389 -15.13 12.85 -0.03
N ARG A 390 -13.82 12.60 -0.23
CA ARG A 390 -13.03 11.68 0.61
C ARG A 390 -12.32 12.50 1.68
N VAL A 391 -12.31 11.96 2.91
CA VAL A 391 -11.64 12.58 4.05
C VAL A 391 -10.57 11.60 4.59
N SER A 392 -9.32 12.09 4.67
CA SER A 392 -8.27 11.28 5.27
C SER A 392 -8.09 11.99 6.60
N VAL A 393 -8.42 11.31 7.70
CA VAL A 393 -8.52 11.93 9.02
C VAL A 393 -7.09 11.98 9.57
N GLY A 394 -6.69 13.14 10.12
CA GLY A 394 -5.41 13.34 10.73
C GLY A 394 -5.48 13.29 12.24
N LEU A 395 -4.57 14.01 12.88
CA LEU A 395 -4.34 13.85 14.30
C LEU A 395 -5.02 14.95 15.15
N GLU A 396 -5.69 15.91 14.50
CA GLU A 396 -6.38 17.06 15.16
C GLU A 396 -7.47 16.65 16.16
N ASP A 397 -7.77 17.53 17.09
CA ASP A 397 -8.90 17.27 18.04
C ASP A 397 -10.23 17.02 17.28
N PRO A 398 -10.92 15.93 17.62
CA PRO A 398 -12.16 15.47 17.01
C PRO A 398 -13.27 16.50 17.13
N LEU A 399 -13.37 17.23 18.25
CA LEU A 399 -14.34 18.31 18.39
C LEU A 399 -14.00 19.49 17.57
N ASP A 400 -12.72 19.82 17.49
CA ASP A 400 -12.35 20.89 16.59
C ASP A 400 -12.74 20.48 15.16
N LEU A 401 -12.48 19.23 14.80
CA LEU A 401 -12.74 18.82 13.40
C LEU A 401 -14.26 18.87 13.13
N LEU A 402 -15.06 18.31 14.04
CA LEU A 402 -16.52 18.24 13.84
C LEU A 402 -17.08 19.64 13.65
N ALA A 403 -16.61 20.58 14.45
CA ALA A 403 -17.05 21.96 14.29
C ALA A 403 -16.75 22.53 12.90
N LEU A 404 -15.58 22.23 12.33
CA LEU A 404 -15.27 22.67 10.99
C LEU A 404 -16.16 22.02 9.91
N PHE A 405 -16.42 20.72 10.07
CA PHE A 405 -17.36 20.04 9.17
C PHE A 405 -18.79 20.66 9.24
N GLU A 406 -19.33 20.71 10.46
CA GLU A 406 -20.67 21.29 10.69
C GLU A 406 -20.81 22.67 10.02
N GLU A 407 -19.87 23.56 10.32
CA GLU A 407 -19.81 24.88 9.78
C GLU A 407 -19.79 24.89 8.25
N ALA A 408 -18.95 24.05 7.64
CA ALA A 408 -18.89 23.96 6.18
C ALA A 408 -20.24 23.52 5.59
N LEU A 409 -20.89 22.56 6.26
CA LEU A 409 -22.16 22.02 5.81
C LEU A 409 -23.28 23.13 5.79
N GLU A 410 -23.17 24.09 6.70
CA GLU A 410 -24.02 25.31 6.75
C GLU A 410 -23.92 26.12 5.42
N ALA A 411 -22.82 25.92 4.69
CA ALA A 411 -22.64 26.63 3.42
C ALA A 411 -23.22 25.93 2.17
N VAL A 412 -23.69 24.78 2.21
N1 PLP B . -1.38 2.49 -3.98
C2 PLP B . -2.29 3.25 -3.21
C2A PLP B . -3.58 2.71 -2.66
C3 PLP B . -2.02 4.60 -2.91
O3 PLP B . -2.87 5.17 -2.23
C4 PLP B . -0.84 5.24 -3.36
C4A PLP B . -0.61 6.72 -3.04
C5 PLP B . 0.05 4.48 -4.18
C6 PLP B . -0.22 3.11 -4.46
C5A PLP B . 1.34 5.02 -4.76
O4P PLP B . 2.48 5.39 -3.90
P PLP B . 3.49 6.63 -4.17
O1P PLP B . 4.59 6.59 -3.14
O2P PLP B . 2.66 7.73 -4.05
O3P PLP B . 3.72 6.14 -5.52
#